data_5FS5
#
_entry.id   5FS5
#
_cell.length_a   59.565
_cell.length_b   96.917
_cell.length_c   22.999
_cell.angle_alpha   90.00
_cell.angle_beta   90.00
_cell.angle_gamma   90.00
#
_symmetry.space_group_name_H-M   'P 21 21 2'
#
loop_
_entity.id
_entity.type
_entity.pdbx_description
1 polymer FIMH
2 non-polymer 'heptyl alpha-D-mannopyranoside'
3 non-polymer 'SODIUM ION'
4 water water
#
_entity_poly.entity_id   1
_entity_poly.type   'polypeptide(L)'
_entity_poly.pdbx_seq_one_letter_code
;FACKTANGTAIPIGGGSANVYVNLAPVVNVGQNLVVDLSTQIFCHNDYPETITDYVTLQRGSAYGGVLSNFSGTVKYSGS
SYPFPTTSETPRVVYNSRTDKPWPVALYLTPVSSAGGVAIKAGSLIAVLILRQTNNANSDDFQFVWNIYANNDVVVPT
;
_entity_poly.pdbx_strand_id   A
#
loop_
_chem_comp.id
_chem_comp.type
_chem_comp.name
_chem_comp.formula
KGM D-saccharide 'heptyl alpha-D-mannopyranoside' 'C13 H26 O6'
NA non-polymer 'SODIUM ION' 'Na 1'
#
# COMPACT_ATOMS: atom_id res chain seq x y z
N PHE A 1 0.79 19.04 -3.16
CA PHE A 1 0.49 17.58 -3.19
C PHE A 1 0.39 17.07 -1.77
N ALA A 2 -0.72 16.39 -1.50
CA ALA A 2 -0.93 15.79 -0.19
C ALA A 2 -1.85 14.60 -0.38
N CYS A 3 -1.94 13.78 0.67
CA CYS A 3 -2.69 12.53 0.59
C CYS A 3 -3.50 12.33 1.86
N LYS A 4 -4.51 11.46 1.77
CA LYS A 4 -5.24 11.07 2.98
C LYS A 4 -5.91 9.72 2.74
N THR A 5 -6.23 9.06 3.84
CA THR A 5 -6.94 7.79 3.72
C THR A 5 -8.42 8.05 3.51
N ALA A 6 -9.18 6.97 3.26
CA ALA A 6 -10.61 7.12 3.03
C ALA A 6 -11.32 7.79 4.20
N ASN A 7 -10.84 7.59 5.43
CA ASN A 7 -11.47 8.19 6.59
C ASN A 7 -10.88 9.56 6.94
N GLY A 8 -9.99 10.08 6.11
CA GLY A 8 -9.52 11.45 6.26
C GLY A 8 -8.27 11.61 7.09
N THR A 9 -7.55 10.53 7.38
CA THR A 9 -6.25 10.62 8.03
C THR A 9 -5.24 11.13 7.01
N ALA A 10 -4.63 12.29 7.26
CA ALA A 10 -3.92 13.05 6.24
C ALA A 10 -2.42 13.04 6.46
N ILE A 11 -1.71 13.12 5.35
CA ILE A 11 -0.29 13.44 5.30
C ILE A 11 -0.16 14.71 4.46
N PRO A 12 0.44 15.78 4.97
CA PRO A 12 0.42 17.08 4.28
C PRO A 12 1.53 17.22 3.26
N ILE A 13 1.50 18.37 2.57
CA ILE A 13 2.62 18.79 1.73
C ILE A 13 3.94 18.50 2.43
N GLY A 14 4.88 17.90 1.71
CA GLY A 14 6.17 17.55 2.24
C GLY A 14 6.30 16.14 2.78
N GLY A 15 5.21 15.38 2.86
CA GLY A 15 5.29 14.01 3.28
C GLY A 15 5.17 13.82 4.77
N GLY A 16 5.41 12.58 5.20
CA GLY A 16 5.15 12.18 6.56
C GLY A 16 4.63 10.77 6.56
N SER A 17 3.80 10.42 7.55
CA SER A 17 3.29 9.06 7.69
C SER A 17 1.85 9.06 8.19
N ALA A 18 1.15 7.98 7.88
CA ALA A 18 -0.19 7.74 8.38
C ALA A 18 -0.43 6.25 8.48
N ASN A 19 -1.39 5.89 9.33
CA ASN A 19 -1.81 4.50 9.49
C ASN A 19 -3.05 4.22 8.64
N VAL A 20 -3.08 3.04 8.06
CA VAL A 20 -4.21 2.57 7.26
C VAL A 20 -4.65 1.21 7.82
N TYR A 21 -5.93 1.06 8.09
CA TYR A 21 -6.46 -0.16 8.69
C TYR A 21 -7.33 -0.87 7.69
N VAL A 22 -7.02 -2.14 7.43
CA VAL A 22 -7.63 -2.88 6.33
C VAL A 22 -8.36 -4.10 6.85
N ASN A 23 -9.52 -4.36 6.26
CA ASN A 23 -10.25 -5.59 6.49
C ASN A 23 -9.68 -6.69 5.61
N LEU A 24 -9.51 -7.88 6.19
CA LEU A 24 -8.89 -9.00 5.49
C LEU A 24 -9.83 -10.19 5.53
N ALA A 25 -9.86 -10.96 4.45
CA ALA A 25 -10.65 -12.18 4.44
C ALA A 25 -10.25 -13.00 5.67
N PRO A 26 -11.22 -13.43 6.49
CA PRO A 26 -10.85 -14.03 7.79
C PRO A 26 -10.34 -15.45 7.70
N VAL A 27 -10.66 -16.16 6.62
CA VAL A 27 -10.19 -17.52 6.38
C VAL A 27 -9.63 -17.56 4.97
N VAL A 28 -8.37 -17.99 4.86
CA VAL A 28 -7.67 -18.14 3.57
C VAL A 28 -7.01 -19.51 3.60
N ASN A 29 -7.41 -20.36 2.67
N ASN A 29 -7.42 -20.41 2.71
CA ASN A 29 -6.77 -21.66 2.51
CA ASN A 29 -6.72 -21.69 2.71
C ASN A 29 -5.45 -21.53 1.73
C ASN A 29 -5.33 -21.52 2.10
N VAL A 30 -4.70 -22.62 1.68
CA VAL A 30 -3.41 -22.56 0.99
C VAL A 30 -3.58 -22.46 -0.53
N GLY A 31 -4.75 -22.81 -1.08
CA GLY A 31 -4.98 -22.59 -2.51
C GLY A 31 -5.51 -21.21 -2.92
N GLN A 32 -5.89 -20.38 -1.96
CA GLN A 32 -6.45 -19.06 -2.23
C GLN A 32 -5.39 -18.02 -1.92
N ASN A 33 -5.55 -16.86 -2.55
CA ASN A 33 -4.76 -15.70 -2.20
C ASN A 33 -5.54 -14.76 -1.28
N LEU A 34 -4.80 -13.97 -0.52
CA LEU A 34 -5.34 -12.88 0.29
C LEU A 34 -5.01 -11.60 -0.45
N VAL A 35 -6.04 -10.86 -0.84
CA VAL A 35 -5.90 -9.63 -1.64
C VAL A 35 -6.15 -8.44 -0.73
N VAL A 36 -5.25 -7.47 -0.78
CA VAL A 36 -5.35 -6.26 0.03
C VAL A 36 -5.32 -5.09 -0.94
N ASP A 37 -6.48 -4.65 -1.36
N ASP A 37 -6.49 -4.54 -1.27
CA ASP A 37 -6.51 -3.46 -2.18
CA ASP A 37 -6.59 -3.48 -2.29
C ASP A 37 -6.32 -2.25 -1.28
C ASP A 37 -6.62 -2.10 -1.63
N LEU A 38 -5.43 -1.37 -1.67
N LEU A 38 -5.46 -1.44 -1.60
CA LEU A 38 -5.26 -0.13 -0.94
CA LEU A 38 -5.34 -0.17 -0.90
C LEU A 38 -5.78 1.04 -1.72
C LEU A 38 -5.86 1.02 -1.70
N SER A 39 -6.15 0.85 -2.98
CA SER A 39 -6.63 1.98 -3.78
C SER A 39 -7.92 2.57 -3.22
N THR A 40 -8.77 1.75 -2.58
CA THR A 40 -9.99 2.25 -1.99
C THR A 40 -9.76 2.95 -0.66
N GLN A 41 -8.53 2.96 -0.14
CA GLN A 41 -8.28 3.58 1.15
C GLN A 41 -7.17 4.63 1.18
N ILE A 42 -6.44 4.85 0.10
CA ILE A 42 -5.37 5.84 0.05
C ILE A 42 -5.59 6.70 -1.17
N PHE A 43 -5.62 8.02 -0.95
CA PHE A 43 -5.95 9.00 -1.99
C PHE A 43 -4.96 10.16 -1.92
N CYS A 44 -4.68 10.76 -3.08
CA CYS A 44 -3.83 11.94 -3.14
C CYS A 44 -4.39 12.96 -4.12
N HIS A 45 -3.86 14.18 -4.03
CA HIS A 45 -4.23 15.22 -4.99
C HIS A 45 -3.07 16.19 -5.17
N ASN A 46 -3.20 16.98 -6.23
CA ASN A 46 -2.24 18.01 -6.64
C ASN A 46 -2.79 19.36 -6.20
N ASP A 47 -1.98 20.15 -5.52
CA ASP A 47 -2.43 21.42 -4.97
C ASP A 47 -2.31 22.60 -5.93
N TYR A 48 -1.68 22.43 -7.06
CA TYR A 48 -1.48 23.53 -8.02
C TYR A 48 -1.47 22.94 -9.43
N PRO A 49 -2.53 22.25 -9.84
CA PRO A 49 -2.50 21.55 -11.13
C PRO A 49 -2.55 22.47 -12.32
N GLU A 50 -2.93 23.72 -12.13
CA GLU A 50 -2.91 24.69 -13.22
C GLU A 50 -1.50 24.86 -13.77
N THR A 51 -0.48 24.61 -12.95
CA THR A 51 0.92 24.79 -13.34
C THR A 51 1.73 23.52 -13.25
N ILE A 52 1.66 22.81 -12.14
CA ILE A 52 2.60 21.75 -11.79
C ILE A 52 1.98 20.40 -12.11
N THR A 53 2.79 19.50 -12.64
CA THR A 53 2.45 18.09 -12.74
C THR A 53 3.16 17.35 -11.61
N ASP A 54 2.39 16.58 -10.84
CA ASP A 54 2.93 15.75 -9.78
C ASP A 54 3.09 14.33 -10.27
N TYR A 55 4.19 13.70 -9.87
CA TYR A 55 4.54 12.35 -10.27
C TYR A 55 4.73 11.50 -9.01
N VAL A 56 4.12 10.32 -8.99
CA VAL A 56 4.02 9.51 -7.78
C VAL A 56 4.39 8.07 -8.09
N THR A 57 5.33 7.52 -7.32
CA THR A 57 5.71 6.13 -7.46
C THR A 57 5.40 5.37 -6.17
N LEU A 58 5.38 4.05 -6.30
CA LEU A 58 5.59 3.17 -5.16
C LEU A 58 7.09 2.97 -5.06
N GLN A 59 7.70 3.60 -4.07
CA GLN A 59 9.15 3.52 -3.95
C GLN A 59 9.57 2.20 -3.33
N ARG A 60 8.84 1.74 -2.30
N ARG A 60 8.79 1.71 -2.37
CA ARG A 60 9.19 0.55 -1.55
CA ARG A 60 9.16 0.49 -1.67
C ARG A 60 7.94 -0.02 -0.91
C ARG A 60 7.96 -0.03 -0.92
N GLY A 61 7.88 -1.35 -0.84
CA GLY A 61 6.88 -2.03 -0.04
C GLY A 61 7.59 -3.08 0.78
N SER A 62 7.37 -3.07 2.09
CA SER A 62 7.96 -4.03 3.02
C SER A 62 6.85 -4.74 3.78
N ALA A 63 7.11 -6.01 4.14
CA ALA A 63 6.16 -6.87 4.82
C ALA A 63 6.50 -7.00 6.30
N TYR A 64 5.47 -7.10 7.13
CA TYR A 64 5.62 -7.24 8.57
C TYR A 64 4.64 -8.27 9.10
N GLY A 65 4.82 -8.64 10.37
CA GLY A 65 3.86 -9.48 11.05
C GLY A 65 3.64 -10.78 10.31
N GLY A 66 2.39 -11.25 10.31
CA GLY A 66 2.06 -12.50 9.68
C GLY A 66 2.15 -12.49 8.17
N VAL A 67 2.06 -11.30 7.56
CA VAL A 67 2.27 -11.25 6.11
C VAL A 67 3.71 -11.61 5.79
N LEU A 68 4.65 -11.11 6.60
CA LEU A 68 6.06 -11.40 6.36
C LEU A 68 6.34 -12.88 6.56
N SER A 69 5.83 -13.46 7.64
CA SER A 69 6.21 -14.82 7.98
C SER A 69 5.39 -15.91 7.30
N ASN A 70 4.13 -15.64 6.95
CA ASN A 70 3.23 -16.71 6.52
C ASN A 70 2.78 -16.60 5.08
N PHE A 71 3.20 -15.58 4.34
CA PHE A 71 2.73 -15.37 2.97
C PHE A 71 3.90 -15.02 2.06
N SER A 72 3.73 -15.31 0.78
CA SER A 72 4.56 -14.75 -0.27
C SER A 72 3.68 -13.82 -1.07
N GLY A 73 4.30 -12.89 -1.79
CA GLY A 73 3.52 -11.77 -2.28
C GLY A 73 3.96 -11.20 -3.60
N THR A 74 3.01 -10.53 -4.24
CA THR A 74 3.28 -9.54 -5.26
C THR A 74 2.47 -8.29 -4.93
N VAL A 75 2.84 -7.20 -5.58
CA VAL A 75 2.09 -5.95 -5.51
C VAL A 75 1.85 -5.47 -6.92
N LYS A 76 0.64 -4.99 -7.18
CA LYS A 76 0.36 -4.31 -8.43
C LYS A 76 0.29 -2.81 -8.19
N TYR A 77 0.95 -2.07 -9.05
CA TYR A 77 0.91 -0.62 -9.04
C TYR A 77 0.52 -0.16 -10.42
N SER A 78 -0.58 0.60 -10.51
CA SER A 78 -1.01 1.12 -11.79
C SER A 78 -1.06 0.01 -12.85
N GLY A 79 -1.54 -1.17 -12.45
CA GLY A 79 -1.79 -2.23 -13.40
C GLY A 79 -0.62 -3.12 -13.77
N SER A 80 0.56 -2.92 -13.18
CA SER A 80 1.72 -3.76 -13.42
C SER A 80 2.09 -4.47 -12.13
N SER A 81 2.65 -5.67 -12.26
CA SER A 81 2.97 -6.51 -11.12
C SER A 81 4.45 -6.47 -10.77
N TYR A 82 4.75 -6.50 -9.49
CA TYR A 82 6.10 -6.47 -8.94
C TYR A 82 6.17 -7.42 -7.75
N PRO A 83 7.37 -7.89 -7.40
CA PRO A 83 7.51 -8.68 -6.18
C PRO A 83 7.08 -7.86 -4.97
N PHE A 84 6.56 -8.55 -3.96
CA PHE A 84 6.33 -7.95 -2.66
C PHE A 84 6.86 -8.90 -1.59
N PRO A 85 7.82 -8.46 -0.75
CA PRO A 85 8.46 -7.13 -0.69
C PRO A 85 9.10 -6.71 -2.02
N THR A 86 9.07 -5.41 -2.28
CA THR A 86 9.59 -4.87 -3.52
C THR A 86 11.12 -4.92 -3.53
N THR A 87 11.67 -4.77 -4.74
CA THR A 87 13.12 -4.69 -4.92
C THR A 87 13.59 -3.36 -5.47
N SER A 88 12.73 -2.59 -6.14
CA SER A 88 13.10 -1.24 -6.58
C SER A 88 11.82 -0.45 -6.86
N GLU A 89 12.00 0.81 -7.22
CA GLU A 89 10.91 1.75 -7.41
C GLU A 89 10.17 1.49 -8.72
N THR A 90 8.87 1.76 -8.73
CA THR A 90 8.04 1.62 -9.91
C THR A 90 8.12 2.85 -10.79
N PRO A 91 7.53 2.78 -11.99
CA PRO A 91 7.25 4.00 -12.76
C PRO A 91 6.25 4.91 -12.05
N ARG A 92 6.05 6.08 -12.65
CA ARG A 92 5.25 7.15 -12.07
C ARG A 92 3.79 7.10 -12.51
N VAL A 93 2.91 7.56 -11.61
CA VAL A 93 1.54 7.93 -11.93
C VAL A 93 1.42 9.45 -11.80
N VAL A 94 0.69 10.07 -12.70
CA VAL A 94 0.48 11.53 -12.69
C VAL A 94 -0.71 11.87 -11.83
N TYR A 95 -0.55 12.88 -10.98
CA TYR A 95 -1.66 13.50 -10.27
C TYR A 95 -1.77 14.93 -10.77
N ASN A 96 -2.98 15.30 -11.24
CA ASN A 96 -3.18 16.55 -11.98
C ASN A 96 -4.53 17.15 -11.68
N SER A 97 -5.06 16.92 -10.49
CA SER A 97 -6.31 17.52 -10.06
C SER A 97 -6.26 17.72 -8.55
N ARG A 98 -6.95 18.76 -8.09
CA ARG A 98 -7.16 18.99 -6.66
C ARG A 98 -8.12 18.00 -6.06
N THR A 99 -8.90 17.31 -6.88
CA THR A 99 -9.81 16.28 -6.38
C THR A 99 -9.00 15.04 -6.06
N ASP A 100 -9.32 14.42 -4.93
CA ASP A 100 -8.61 13.21 -4.56
CA ASP A 100 -8.68 13.17 -4.52
C ASP A 100 -8.80 12.13 -5.63
N LYS A 101 -7.70 11.43 -5.89
CA LYS A 101 -7.69 10.29 -6.79
C LYS A 101 -6.99 9.13 -6.07
N PRO A 102 -7.48 7.91 -6.23
CA PRO A 102 -6.86 6.77 -5.53
C PRO A 102 -5.40 6.58 -5.89
N TRP A 103 -4.65 6.03 -4.94
CA TRP A 103 -3.30 5.57 -5.17
C TRP A 103 -3.41 4.11 -5.58
N PRO A 104 -3.05 3.74 -6.83
CA PRO A 104 -3.45 2.43 -7.40
C PRO A 104 -2.54 1.26 -7.01
N VAL A 105 -2.60 0.89 -5.73
CA VAL A 105 -1.78 -0.17 -5.16
C VAL A 105 -2.67 -1.27 -4.60
N ALA A 106 -2.27 -2.52 -4.82
CA ALA A 106 -2.92 -3.65 -4.17
C ALA A 106 -1.89 -4.75 -3.95
N LEU A 107 -2.04 -5.47 -2.83
CA LEU A 107 -1.18 -6.59 -2.50
C LEU A 107 -1.88 -7.91 -2.79
N TYR A 108 -1.12 -8.89 -3.26
CA TYR A 108 -1.64 -10.22 -3.57
C TYR A 108 -0.76 -11.23 -2.85
N LEU A 109 -1.31 -11.86 -1.82
CA LEU A 109 -0.54 -12.64 -0.86
C LEU A 109 -0.99 -14.10 -0.86
N THR A 110 -0.03 -15.01 -0.94
CA THR A 110 -0.31 -16.44 -1.00
CA THR A 110 -0.31 -16.43 -0.99
C THR A 110 0.24 -17.09 0.26
N PRO A 111 -0.53 -17.90 0.98
CA PRO A 111 0.05 -18.60 2.13
C PRO A 111 1.21 -19.49 1.72
N VAL A 112 2.27 -19.45 2.51
CA VAL A 112 3.42 -20.33 2.36
C VAL A 112 3.13 -21.58 3.16
N SER A 113 3.71 -22.70 2.72
CA SER A 113 3.43 -24.06 3.21
C SER A 113 3.40 -24.13 4.72
N SER A 114 4.26 -23.37 5.40
N SER A 114 4.28 -23.38 5.39
CA SER A 114 4.28 -23.37 6.85
CA SER A 114 4.27 -23.33 6.85
C SER A 114 2.99 -22.79 7.43
C SER A 114 2.91 -22.90 7.37
N ALA A 115 2.26 -21.99 6.67
CA ALA A 115 1.04 -21.36 7.16
C ALA A 115 -0.06 -22.39 7.49
N GLY A 116 -0.63 -22.38 8.71
CA GLY A 116 -0.14 -21.61 9.83
C GLY A 116 -1.22 -21.32 10.86
N GLY A 117 -0.89 -20.42 11.79
CA GLY A 117 -1.83 -20.03 12.82
C GLY A 117 -1.30 -19.26 14.01
N VAL A 118 -1.94 -18.14 14.38
CA VAL A 118 -2.89 -17.42 13.54
C VAL A 118 -2.06 -16.78 12.45
N ALA A 119 -2.55 -16.76 11.21
CA ALA A 119 -1.69 -16.34 10.11
C ALA A 119 -1.40 -14.83 10.15
N ILE A 120 -2.38 -14.02 10.52
CA ILE A 120 -2.24 -12.59 10.71
C ILE A 120 -3.05 -12.24 11.95
N LYS A 121 -2.49 -11.39 12.81
CA LYS A 121 -3.13 -11.03 14.06
C LYS A 121 -3.84 -9.69 13.93
N ALA A 122 -5.07 -9.61 14.44
CA ALA A 122 -5.80 -8.35 14.48
C ALA A 122 -4.98 -7.27 15.13
N GLY A 123 -4.98 -6.08 14.52
CA GLY A 123 -4.30 -4.94 15.06
C GLY A 123 -2.83 -4.84 14.72
N SER A 124 -2.27 -5.83 14.03
CA SER A 124 -0.83 -5.88 13.81
C SER A 124 -0.43 -5.14 12.55
N LEU A 125 0.79 -4.62 12.57
CA LEU A 125 1.41 -4.06 11.37
C LEU A 125 1.70 -5.18 10.38
N ILE A 126 1.24 -5.03 9.14
CA ILE A 126 1.48 -6.03 8.11
C ILE A 126 2.28 -5.51 6.93
N ALA A 127 2.39 -4.20 6.72
CA ALA A 127 3.16 -3.68 5.60
C ALA A 127 3.48 -2.22 5.86
N VAL A 128 4.56 -1.76 5.24
CA VAL A 128 4.86 -0.34 5.14
C VAL A 128 5.10 -0.06 3.67
N LEU A 129 4.34 0.88 3.13
CA LEU A 129 4.43 1.25 1.71
C LEU A 129 4.87 2.70 1.63
N ILE A 130 5.92 2.96 0.86
CA ILE A 130 6.48 4.30 0.70
CA ILE A 130 6.46 4.30 0.70
C ILE A 130 6.05 4.83 -0.65
N LEU A 131 5.30 5.91 -0.65
CA LEU A 131 4.93 6.65 -1.84
C LEU A 131 5.92 7.80 -1.98
N ARG A 132 6.49 7.95 -3.17
CA ARG A 132 7.47 9.00 -3.45
CA ARG A 132 7.48 9.00 -3.45
C ARG A 132 6.89 9.97 -4.47
N GLN A 133 6.83 11.23 -4.09
CA GLN A 133 6.24 12.28 -4.93
C GLN A 133 7.31 13.28 -5.36
N THR A 134 7.35 13.54 -6.67
CA THR A 134 8.16 14.57 -7.27
C THR A 134 7.25 15.40 -8.18
N ASN A 135 7.83 16.36 -8.89
CA ASN A 135 7.06 17.18 -9.80
C ASN A 135 7.95 17.63 -10.94
N ASN A 136 7.40 18.47 -11.82
CA ASN A 136 8.14 19.05 -12.93
C ASN A 136 8.44 20.54 -12.72
N ALA A 137 8.46 20.99 -11.48
CA ALA A 137 8.58 22.42 -11.17
C ALA A 137 9.79 22.76 -10.32
N ASN A 138 10.14 21.92 -9.36
CA ASN A 138 11.18 22.27 -8.39
C ASN A 138 11.83 20.98 -7.88
N SER A 139 12.58 21.11 -6.79
CA SER A 139 13.37 20.00 -6.27
C SER A 139 12.60 19.08 -5.33
N ASP A 140 11.32 19.34 -5.10
CA ASP A 140 10.58 18.57 -4.11
C ASP A 140 10.63 17.08 -4.41
N ASP A 141 10.95 16.28 -3.40
CA ASP A 141 11.08 14.83 -3.55
C ASP A 141 10.74 14.25 -2.18
N PHE A 142 9.48 13.91 -1.98
CA PHE A 142 8.94 13.64 -0.65
C PHE A 142 8.42 12.22 -0.51
N GLN A 143 8.68 11.65 0.67
CA GLN A 143 8.17 10.34 1.01
C GLN A 143 6.90 10.47 1.86
N PHE A 144 5.86 9.74 1.44
CA PHE A 144 4.62 9.57 2.17
C PHE A 144 4.57 8.11 2.60
N VAL A 145 4.59 7.88 3.91
CA VAL A 145 4.82 6.55 4.48
C VAL A 145 3.50 6.03 5.02
N TRP A 146 3.05 4.90 4.48
CA TRP A 146 1.77 4.32 4.84
C TRP A 146 2.01 3.04 5.63
N ASN A 147 1.61 3.05 6.89
CA ASN A 147 1.74 1.90 7.76
C ASN A 147 0.42 1.15 7.73
N ILE A 148 0.45 -0.07 7.22
CA ILE A 148 -0.76 -0.85 6.97
C ILE A 148 -0.96 -1.83 8.11
N TYR A 149 -2.11 -1.73 8.78
CA TYR A 149 -2.48 -2.58 9.90
C TYR A 149 -3.67 -3.46 9.56
N ALA A 150 -3.61 -4.71 10.02
CA ALA A 150 -4.74 -5.62 9.90
C ALA A 150 -5.83 -5.27 10.91
N ASN A 151 -7.08 -5.20 10.44
CA ASN A 151 -8.19 -5.05 11.37
C ASN A 151 -8.51 -6.32 12.13
N ASN A 152 -8.26 -7.48 11.55
CA ASN A 152 -8.80 -8.73 12.05
C ASN A 152 -7.77 -9.84 11.94
N ASP A 153 -7.99 -10.89 12.73
CA ASP A 153 -7.25 -12.14 12.58
C ASP A 153 -7.57 -12.76 11.22
N VAL A 154 -6.57 -13.41 10.63
CA VAL A 154 -6.75 -14.25 9.45
C VAL A 154 -6.28 -15.65 9.81
N VAL A 155 -7.14 -16.64 9.58
CA VAL A 155 -6.87 -18.05 9.84
C VAL A 155 -6.56 -18.73 8.53
N VAL A 156 -5.46 -19.47 8.50
CA VAL A 156 -5.13 -20.36 7.38
C VAL A 156 -5.38 -21.79 7.86
N PRO A 157 -6.42 -22.46 7.38
CA PRO A 157 -6.68 -23.83 7.85
C PRO A 157 -5.53 -24.76 7.54
N THR A 158 -5.37 -25.75 8.41
CA THR A 158 -4.34 -26.77 8.23
C THR A 158 -4.91 -28.17 8.24
O6 KGM B . 0.85 19.54 -5.85
C6 KGM B . 1.55 20.66 -6.43
C5 KGM B . 2.71 21.10 -5.52
C10 KGM B . 3.68 27.50 -5.77
O5 KGM B . 2.13 21.48 -4.24
C4 KGM B . 3.69 19.96 -5.28
O4 KGM B . 4.33 19.59 -6.56
C3 KGM B . 4.78 20.45 -4.33
O3 KGM B . 5.66 19.35 -4.07
C2 KGM B . 4.16 20.88 -3.00
O2 KGM B . 3.48 19.78 -2.41
C1 KGM B . 3.09 21.95 -3.26
O1 KGM B . 3.72 23.11 -3.85
C7 KGM B . 2.78 24.20 -4.03
C8 KGM B . 3.62 25.27 -4.70
C9 KGM B . 2.78 26.49 -5.07
C13 KGM B . 3.04 30.80 -7.64
C12 KGM B . 3.80 29.64 -7.03
C11 KGM B . 2.86 28.70 -6.25
H131 KGM B . 2.55 31.37 -6.85
H132 KGM B . 2.29 30.41 -8.33
H133 KGM B . 3.74 31.45 -8.19
H121 KGM B . 4.57 30.04 -6.35
H122 KGM B . 4.29 29.07 -7.82
H111 KGM B . 2.05 28.36 -6.91
H112 KGM B . 2.44 29.22 -5.40
H101 KGM B . 4.46 27.83 -5.08
H102 KGM B . 4.14 27.02 -6.63
H91C KGM B . 1.97 26.19 -5.72
H92C KGM B . 2.36 26.94 -4.16
H81C KGM B . 4.43 25.57 -4.02
H82C KGM B . 4.07 24.85 -5.60
H71C KGM B . 2.52 24.38 -3.02
H72C KGM B . 2.06 23.74 -4.62
H1 KGM B . 2.59 22.22 -2.33
H2 KGM B . 4.93 21.27 -2.33
HO2 KGM B . 2.79 19.45 -3.04
H3 KGM B . 5.33 21.28 -4.78
HO3 KGM B . 5.14 18.61 -3.65
H4 KGM B . 3.18 19.10 -4.86
HO4 KGM B . 4.82 20.38 -6.93
H5 KGM B . 3.22 21.95 -5.97
H61 KGM B . 1.93 20.38 -7.40
H62 KGM B . 0.85 21.50 -6.55
HO6 KGM B . 0.09 19.28 -6.45
NA NA C . -9.35 4.48 5.57
#